data_6OH3
#
_entry.id   6OH3
#
_cell.length_a   140.096
_cell.length_b   50.123
_cell.length_c   50.419
_cell.angle_alpha   90.00
_cell.angle_beta   109.25
_cell.angle_gamma   90.00
#
_symmetry.space_group_name_H-M   'C 1 2 1'
#
loop_
_entity.id
_entity.type
_entity.pdbx_description
1 polymer 'CMP-sialic acid transporter'
2 non-polymer "CYTIDINE-5'-MONOPHOSPHATE-5-N-ACETYLNEURAMINIC ACID"
3 water water
#
_entity_poly.entity_id   1
_entity_poly.type   'polypeptide(L)'
_entity_poly.pdbx_seq_one_letter_code
;MAPARENVSLFFKLYCLTVMTLVAAAYTVALRYTRTTAEELYFSTTAVCITEVIKLLISVGLLAKETGSLGRFKASLSEN
VLGSPKELAKLSVPSLVYAVQNNMAFLALSNLDAAVYQVTYQLKIPCTALCTVLMLNRTLSKLQWISVFMLCGGVTLVQW
KPAQATKVVVAQNPLLGFGAIAIAVLCSGFAGVYFEKVLKSSDTSLWVRNIQMYLSGIVVTLAGTYLSDGAEIQEKGFFY
GYTYYVWFVIFLASVGGLYTSVVVKYTDNIMKGFSAAAAIVLSTIASVLLFGLQITLSFALGALLVCVSIYLYGLPRQDT
TSNSLEVLFQ
;
_entity_poly.pdbx_strand_id   A
#
loop_
_chem_comp.id
_chem_comp.type
_chem_comp.name
_chem_comp.formula
NCC non-polymer 'CYTIDINE-5'-MONOPHOSPHATE-5-N-ACETYLNEURAMINIC ACID' 'C20 H31 N4 O16 P'
#
# COMPACT_ATOMS: atom_id res chain seq x y z
N ASN A 7 3.96 -21.73 -14.96
CA ASN A 7 4.52 -22.12 -13.63
C ASN A 7 5.52 -21.09 -13.10
N VAL A 8 6.41 -20.60 -13.97
CA VAL A 8 7.38 -19.55 -13.60
C VAL A 8 6.73 -18.20 -13.35
N SER A 9 5.72 -17.86 -14.15
CA SER A 9 4.90 -16.65 -13.94
C SER A 9 4.03 -16.77 -12.68
N LEU A 10 3.57 -17.98 -12.36
CA LEU A 10 2.76 -18.24 -11.15
C LEU A 10 3.57 -18.12 -9.86
N PHE A 11 4.78 -18.68 -9.84
CA PHE A 11 5.67 -18.61 -8.68
C PHE A 11 6.17 -17.18 -8.40
N PHE A 12 6.44 -16.43 -9.46
CA PHE A 12 6.75 -15.00 -9.36
C PHE A 12 5.56 -14.19 -8.83
N LYS A 13 4.34 -14.56 -9.28
CA LYS A 13 3.12 -13.94 -8.78
C LYS A 13 2.87 -14.23 -7.29
N LEU A 14 3.05 -15.48 -6.89
CA LEU A 14 2.91 -15.89 -5.49
C LEU A 14 4.01 -15.31 -4.57
N TYR A 15 5.19 -15.04 -5.15
CA TYR A 15 6.30 -14.43 -4.41
C TYR A 15 6.04 -12.96 -4.11
N CYS A 16 5.60 -12.20 -5.12
CA CYS A 16 5.24 -10.78 -4.96
C CYS A 16 4.12 -10.56 -3.94
N LEU A 17 3.18 -11.50 -3.87
CA LEU A 17 2.10 -11.47 -2.89
C LEU A 17 2.60 -11.67 -1.46
N THR A 18 3.42 -12.70 -1.26
CA THR A 18 3.97 -13.04 0.07
C THR A 18 4.92 -11.97 0.59
N VAL A 19 5.69 -11.35 -0.31
CA VAL A 19 6.56 -10.23 0.05
C VAL A 19 5.71 -9.00 0.43
N MET A 20 4.71 -8.69 -0.40
CA MET A 20 3.80 -7.56 -0.14
C MET A 20 3.13 -7.65 1.23
N THR A 21 2.64 -8.84 1.59
CA THR A 21 1.96 -9.06 2.86
C THR A 21 2.93 -9.06 4.05
N LEU A 22 4.04 -9.78 3.93
CA LEU A 22 5.08 -9.80 4.97
C LEU A 22 5.66 -8.41 5.24
N VAL A 23 5.91 -7.64 4.18
CA VAL A 23 6.34 -6.25 4.31
C VAL A 23 5.25 -5.39 4.94
N ALA A 24 3.99 -5.56 4.50
CA ALA A 24 2.86 -4.84 5.08
C ALA A 24 2.70 -5.10 6.59
N ALA A 25 2.90 -6.36 6.98
CA ALA A 25 2.88 -6.73 8.40
C ALA A 25 4.03 -6.09 9.19
N ALA A 26 5.24 -6.20 8.67
CA ALA A 26 6.44 -5.62 9.29
C ALA A 26 6.49 -4.09 9.23
N TYR A 27 5.77 -3.49 8.28
CA TYR A 27 5.71 -2.03 8.10
C TYR A 27 4.94 -1.34 9.23
N THR A 28 3.74 -1.85 9.52
CA THR A 28 2.88 -1.27 10.58
C THR A 28 3.46 -1.42 11.98
N VAL A 29 4.17 -2.53 12.23
CA VAL A 29 4.84 -2.78 13.52
C VAL A 29 6.05 -1.86 13.68
N ALA A 30 6.87 -1.75 12.63
CA ALA A 30 8.05 -0.88 12.63
C ALA A 30 7.68 0.60 12.66
N LEU A 31 6.67 0.99 11.87
CA LEU A 31 6.17 2.37 11.86
C LEU A 31 5.54 2.77 13.20
N ARG A 32 4.84 1.84 13.84
CA ARG A 32 4.33 2.04 15.21
C ARG A 32 5.48 2.28 16.20
N TYR A 33 6.49 1.41 16.12
CA TYR A 33 7.65 1.44 17.03
C TYR A 33 8.42 2.75 17.00
N THR A 34 8.70 3.25 15.80
CA THR A 34 9.47 4.49 15.62
C THR A 34 8.76 5.74 16.18
N ARG A 35 7.43 5.74 16.19
CA ARG A 35 6.64 6.86 16.69
C ARG A 35 6.42 6.84 18.22
N THR A 36 6.57 5.68 18.85
CA THR A 36 6.30 5.51 20.29
C THR A 36 7.53 5.30 21.19
N THR A 37 8.74 5.17 20.63
CA THR A 37 9.96 5.01 21.44
C THR A 37 10.93 6.19 21.41
N ALA A 38 10.89 7.02 20.37
CA ALA A 38 11.91 8.07 20.18
C ALA A 38 11.75 9.26 21.12
N GLU A 39 12.89 9.89 21.46
CA GLU A 39 12.91 11.15 22.22
C GLU A 39 12.73 12.30 21.23
N GLU A 40 13.65 12.41 20.27
CA GLU A 40 13.53 13.33 19.15
C GLU A 40 12.67 12.67 18.07
N LEU A 41 11.41 13.08 17.97
CA LEU A 41 10.47 12.51 17.01
C LEU A 41 10.69 13.09 15.62
N TYR A 42 10.78 12.21 14.62
CA TYR A 42 10.99 12.61 13.22
C TYR A 42 9.70 13.11 12.56
N PHE A 43 9.87 13.86 11.48
CA PHE A 43 8.74 14.39 10.73
C PHE A 43 8.22 13.31 9.80
N SER A 44 6.98 12.87 10.01
CA SER A 44 6.36 11.82 9.19
C SER A 44 6.20 12.22 7.72
N THR A 45 6.03 13.52 7.47
CA THR A 45 5.93 14.06 6.11
C THR A 45 7.21 13.87 5.29
N THR A 46 8.36 13.92 5.95
CA THR A 46 9.66 13.75 5.28
C THR A 46 9.86 12.28 4.87
N ALA A 47 9.65 11.37 5.81
CA ALA A 47 9.75 9.92 5.57
C ALA A 47 8.85 9.43 4.43
N VAL A 48 7.67 10.01 4.31
CA VAL A 48 6.76 9.79 3.17
C VAL A 48 7.43 10.25 1.87
N CYS A 49 7.99 11.46 1.89
CA CYS A 49 8.63 12.04 0.71
C CYS A 49 9.89 11.27 0.27
N ILE A 50 10.70 10.83 1.22
CA ILE A 50 11.91 10.05 0.93
C ILE A 50 11.55 8.71 0.27
N THR A 51 10.41 8.13 0.66
CA THR A 51 9.91 6.91 0.02
C THR A 51 9.68 7.11 -1.48
N GLU A 52 9.04 8.23 -1.84
CA GLU A 52 8.75 8.55 -3.25
C GLU A 52 10.01 8.74 -4.09
N VAL A 53 11.07 9.22 -3.46
CA VAL A 53 12.39 9.34 -4.10
C VAL A 53 12.98 7.95 -4.34
N ILE A 54 12.94 7.09 -3.32
CA ILE A 54 13.50 5.74 -3.40
C ILE A 54 12.68 4.84 -4.34
N LYS A 55 11.35 4.97 -4.33
CA LYS A 55 10.49 4.24 -5.26
C LYS A 55 10.73 4.64 -6.71
N LEU A 56 10.92 5.94 -6.94
CA LEU A 56 11.24 6.49 -8.27
C LEU A 56 12.57 5.95 -8.82
N LEU A 57 13.58 5.88 -7.96
CA LEU A 57 14.92 5.41 -8.36
C LEU A 57 14.94 3.92 -8.71
N ILE A 58 14.27 3.09 -7.90
CA ILE A 58 14.18 1.65 -8.16
C ILE A 58 13.38 1.37 -9.45
N SER A 59 12.34 2.17 -9.69
CA SER A 59 11.53 2.06 -10.93
C SER A 59 12.34 2.38 -12.18
N VAL A 60 13.18 3.41 -12.11
CA VAL A 60 14.08 3.78 -13.21
C VAL A 60 15.08 2.64 -13.47
N GLY A 61 15.61 2.06 -12.39
CA GLY A 61 16.45 0.87 -12.48
C GLY A 61 15.76 -0.30 -13.16
N LEU A 62 14.52 -0.57 -12.75
CA LEU A 62 13.71 -1.66 -13.33
C LEU A 62 13.28 -1.42 -14.80
N LEU A 63 13.18 -0.16 -15.21
CA LEU A 63 12.92 0.19 -16.62
C LEU A 63 14.13 -0.15 -17.48
N ALA A 64 15.32 0.19 -16.99
CA ALA A 64 16.58 -0.15 -17.66
C ALA A 64 16.75 -1.66 -17.86
N LYS A 65 16.34 -2.44 -16.85
CA LYS A 65 16.34 -3.91 -16.96
C LYS A 65 15.30 -4.40 -17.97
N GLU A 66 14.10 -3.80 -17.95
CA GLU A 66 13.00 -4.20 -18.84
C GLU A 66 13.28 -3.85 -20.31
N THR A 67 13.74 -2.62 -20.54
CA THR A 67 14.18 -2.20 -21.88
C THR A 67 15.44 -2.97 -22.31
N GLY A 68 16.37 -3.16 -21.37
CA GLY A 68 17.57 -3.96 -21.60
C GLY A 68 18.53 -3.38 -22.63
N SER A 69 18.59 -2.05 -22.68
CA SER A 69 19.42 -1.32 -23.66
C SER A 69 19.46 0.14 -23.26
N LEU A 70 20.66 0.72 -23.28
CA LEU A 70 20.84 2.13 -22.91
C LEU A 70 20.12 3.10 -23.87
N GLY A 71 20.05 2.72 -25.15
CA GLY A 71 19.37 3.54 -26.16
C GLY A 71 17.86 3.52 -26.05
N ARG A 72 17.28 2.33 -25.90
CA ARG A 72 15.83 2.17 -25.72
C ARG A 72 15.37 2.52 -24.29
N PHE A 73 16.31 2.56 -23.35
CA PHE A 73 16.08 3.17 -22.03
C PHE A 73 15.91 4.70 -22.15
N LYS A 74 16.76 5.32 -22.96
CA LYS A 74 16.64 6.77 -23.26
C LYS A 74 15.36 7.09 -24.03
N ALA A 75 15.01 6.25 -25.00
CA ALA A 75 13.83 6.46 -25.85
C ALA A 75 12.50 6.35 -25.07
N SER A 76 12.46 5.44 -24.10
CA SER A 76 11.27 5.22 -23.27
C SER A 76 10.97 6.42 -22.35
N LEU A 77 12.00 6.94 -21.71
CA LEU A 77 11.86 8.13 -20.84
C LEU A 77 11.58 9.40 -21.66
N SER A 78 12.14 9.46 -22.88
CA SER A 78 11.89 10.56 -23.79
C SER A 78 10.43 10.57 -24.28
N GLU A 79 9.99 9.42 -24.81
CA GLU A 79 8.67 9.30 -25.44
C GLU A 79 7.51 9.24 -24.45
N ASN A 80 7.65 8.44 -23.39
CA ASN A 80 6.54 8.15 -22.47
C ASN A 80 6.43 9.10 -21.28
N VAL A 81 7.55 9.36 -20.61
CA VAL A 81 7.55 10.19 -19.40
C VAL A 81 7.52 11.67 -19.78
N LEU A 82 8.56 12.14 -20.46
CA LEU A 82 8.64 13.54 -20.91
C LEU A 82 7.66 13.83 -22.04
N GLY A 83 7.63 12.94 -23.03
CA GLY A 83 6.80 13.11 -24.23
C GLY A 83 5.30 13.13 -24.00
N SER A 84 4.83 12.50 -22.92
CA SER A 84 3.39 12.48 -22.58
C SER A 84 3.11 13.32 -21.33
N PRO A 85 2.95 14.65 -21.48
CA PRO A 85 2.57 15.46 -20.33
C PRO A 85 1.17 15.17 -19.79
N LYS A 86 0.27 14.70 -20.66
CA LYS A 86 -1.09 14.35 -20.26
C LYS A 86 -1.14 13.13 -19.33
N GLU A 87 -0.23 12.18 -19.52
CA GLU A 87 -0.11 11.01 -18.63
C GLU A 87 0.43 11.39 -17.23
N LEU A 88 1.25 12.41 -17.16
CA LEU A 88 1.77 12.93 -15.88
C LEU A 88 0.68 13.66 -15.09
N ALA A 89 -0.10 14.46 -15.80
CA ALA A 89 -1.26 15.16 -15.21
C ALA A 89 -2.37 14.21 -14.75
N LYS A 90 -2.54 13.09 -15.45
CA LYS A 90 -3.48 12.03 -15.03
C LYS A 90 -3.05 11.41 -13.72
N LEU A 91 -1.81 10.92 -13.68
CA LEU A 91 -1.26 10.22 -12.52
C LEU A 91 -0.84 11.14 -11.36
N SER A 92 -0.92 12.46 -11.56
CA SER A 92 -0.80 13.41 -10.46
C SER A 92 -1.98 13.38 -9.51
N VAL A 93 -3.14 12.92 -9.99
CA VAL A 93 -4.34 12.75 -9.16
C VAL A 93 -4.13 11.69 -8.05
N PRO A 94 -3.85 10.42 -8.43
CA PRO A 94 -3.67 9.39 -7.40
C PRO A 94 -2.38 9.52 -6.58
N SER A 95 -1.37 10.20 -7.12
CA SER A 95 -0.17 10.53 -6.34
C SER A 95 -0.48 11.55 -5.23
N LEU A 96 -1.39 12.49 -5.50
CA LEU A 96 -1.90 13.42 -4.49
C LEU A 96 -2.80 12.73 -3.47
N VAL A 97 -3.59 11.75 -3.94
CA VAL A 97 -4.43 10.94 -3.04
C VAL A 97 -3.54 10.07 -2.15
N TYR A 98 -2.56 9.39 -2.76
CA TYR A 98 -1.60 8.57 -2.01
C TYR A 98 -0.73 9.39 -1.07
N ALA A 99 -0.39 10.62 -1.47
CA ALA A 99 0.37 11.54 -0.60
C ALA A 99 -0.37 11.78 0.71
N VAL A 100 -1.68 11.99 0.62
CA VAL A 100 -2.54 12.13 1.80
C VAL A 100 -2.63 10.78 2.53
N GLN A 101 -2.91 9.70 1.80
CA GLN A 101 -3.01 8.35 2.39
C GLN A 101 -1.80 8.00 3.23
N ASN A 102 -0.61 8.10 2.62
CA ASN A 102 0.65 7.74 3.27
C ASN A 102 0.93 8.60 4.50
N ASN A 103 0.54 9.86 4.44
CA ASN A 103 0.64 10.76 5.60
C ASN A 103 -0.38 10.43 6.69
N MET A 104 -1.59 10.02 6.29
CA MET A 104 -2.59 9.53 7.25
C MET A 104 -2.19 8.20 7.89
N ALA A 105 -1.46 7.37 7.15
CA ALA A 105 -0.93 6.11 7.69
C ALA A 105 0.04 6.35 8.85
N PHE A 106 0.92 7.34 8.70
CA PHE A 106 1.86 7.72 9.76
C PHE A 106 1.16 8.32 10.97
N LEU A 107 0.14 9.15 10.73
CA LEU A 107 -0.63 9.79 11.80
C LEU A 107 -1.49 8.79 12.60
N ALA A 108 -2.06 7.81 11.90
CA ALA A 108 -2.88 6.76 12.53
C ALA A 108 -2.09 5.92 13.53
N LEU A 109 -0.96 5.39 13.07
CA LEU A 109 -0.08 4.53 13.89
C LEU A 109 0.68 5.28 14.99
N SER A 110 0.83 6.60 14.86
CA SER A 110 1.35 7.43 15.95
C SER A 110 0.38 7.47 17.15
N ASN A 111 -0.92 7.35 16.86
CA ASN A 111 -1.98 7.45 17.86
C ASN A 111 -2.75 6.13 18.13
N LEU A 112 -2.39 5.04 17.45
CA LEU A 112 -3.08 3.75 17.61
C LEU A 112 -2.12 2.56 17.50
N ASP A 113 -2.57 1.42 18.03
CA ASP A 113 -1.80 0.17 17.98
C ASP A 113 -1.84 -0.42 16.58
N ALA A 114 -0.86 -1.27 16.27
CA ALA A 114 -0.76 -1.92 14.95
C ALA A 114 -1.92 -2.87 14.70
N ALA A 115 -2.31 -3.63 15.73
CA ALA A 115 -3.48 -4.51 15.65
C ALA A 115 -4.78 -3.71 15.50
N VAL A 116 -4.89 -2.61 16.25
CA VAL A 116 -6.07 -1.72 16.17
C VAL A 116 -6.16 -1.08 14.78
N TYR A 117 -5.03 -0.56 14.30
CA TYR A 117 -4.94 0.02 12.95
C TYR A 117 -5.26 -1.00 11.85
N GLN A 118 -4.61 -2.17 11.92
CA GLN A 118 -4.79 -3.21 10.92
C GLN A 118 -6.24 -3.67 10.80
N VAL A 119 -6.93 -3.84 11.92
CA VAL A 119 -8.33 -4.28 11.94
C VAL A 119 -9.26 -3.23 11.32
N THR A 120 -9.08 -1.98 11.73
CA THR A 120 -9.89 -0.87 11.21
C THR A 120 -9.67 -0.61 9.72
N TYR A 121 -8.42 -0.77 9.27
CA TYR A 121 -8.04 -0.48 7.89
C TYR A 121 -8.54 -1.50 6.84
N GLN A 122 -9.05 -2.65 7.29
CA GLN A 122 -9.63 -3.66 6.38
C GLN A 122 -10.98 -3.25 5.76
N LEU A 123 -11.56 -2.13 6.23
CA LEU A 123 -12.74 -1.53 5.59
C LEU A 123 -12.43 -0.87 4.24
N LYS A 124 -11.15 -0.77 3.88
CA LYS A 124 -10.73 -0.50 2.49
C LYS A 124 -11.26 -1.54 1.49
N ILE A 125 -11.48 -2.77 1.94
CA ILE A 125 -11.96 -3.86 1.07
C ILE A 125 -13.33 -3.52 0.45
N PRO A 126 -14.36 -3.22 1.29
CA PRO A 126 -15.62 -2.67 0.75
C PRO A 126 -15.44 -1.41 -0.12
N CYS A 127 -14.60 -0.49 0.33
CA CYS A 127 -14.30 0.74 -0.41
C CYS A 127 -13.69 0.46 -1.77
N THR A 128 -12.73 -0.47 -1.82
CA THR A 128 -12.06 -0.89 -3.05
C THR A 128 -13.03 -1.57 -4.01
N ALA A 129 -13.94 -2.38 -3.48
CA ALA A 129 -14.98 -3.01 -4.27
C ALA A 129 -15.96 -1.98 -4.84
N LEU A 130 -16.31 -0.99 -4.02
CA LEU A 130 -17.19 0.10 -4.45
C LEU A 130 -16.55 0.94 -5.55
N CYS A 131 -15.27 1.25 -5.41
CA CYS A 131 -14.54 2.04 -6.42
C CYS A 131 -14.39 1.29 -7.74
N THR A 132 -14.12 -0.02 -7.67
CA THR A 132 -13.93 -0.85 -8.87
C THR A 132 -15.21 -0.98 -9.69
N VAL A 133 -16.35 -1.10 -9.02
CA VAL A 133 -17.66 -1.22 -9.70
C VAL A 133 -18.03 0.07 -10.44
N LEU A 134 -17.70 1.22 -9.86
CA LEU A 134 -18.03 2.53 -10.43
C LEU A 134 -17.07 2.95 -11.55
N MET A 135 -15.77 3.00 -11.22
CA MET A 135 -14.76 3.55 -12.13
C MET A 135 -14.35 2.57 -13.24
N LEU A 136 -13.97 1.35 -12.87
CA LEU A 136 -13.29 0.41 -13.79
C LEU A 136 -14.16 -0.30 -14.84
N ASN A 137 -15.48 -0.19 -14.75
CA ASN A 137 -16.40 -0.85 -15.69
C ASN A 137 -16.46 -2.38 -15.50
N ARG A 138 -16.13 -2.86 -14.30
CA ARG A 138 -16.33 -4.25 -13.90
C ARG A 138 -17.71 -4.36 -13.25
N THR A 139 -18.07 -5.56 -12.77
CA THR A 139 -19.36 -5.76 -12.09
C THR A 139 -19.33 -6.93 -11.11
N LEU A 140 -20.16 -6.83 -10.07
CA LEU A 140 -20.24 -7.85 -9.01
C LEU A 140 -21.68 -8.28 -8.78
N SER A 141 -21.90 -9.59 -8.64
CA SER A 141 -23.20 -10.15 -8.31
C SER A 141 -23.49 -9.99 -6.81
N LYS A 142 -24.75 -10.21 -6.43
CA LYS A 142 -25.16 -10.17 -5.03
C LYS A 142 -24.36 -11.15 -4.16
N LEU A 143 -24.10 -12.34 -4.71
CA LEU A 143 -23.24 -13.35 -4.09
C LEU A 143 -21.81 -12.85 -3.87
N GLN A 144 -21.23 -12.22 -4.89
CA GLN A 144 -19.88 -11.65 -4.80
C GLN A 144 -19.80 -10.43 -3.88
N TRP A 145 -20.90 -9.69 -3.77
CA TRP A 145 -21.00 -8.61 -2.78
C TRP A 145 -21.05 -9.15 -1.36
N ILE A 146 -21.80 -10.22 -1.13
CA ILE A 146 -21.82 -10.92 0.16
C ILE A 146 -20.41 -11.38 0.54
N SER A 147 -19.68 -11.93 -0.43
CA SER A 147 -18.32 -12.43 -0.22
C SER A 147 -17.30 -11.35 0.17
N VAL A 148 -17.43 -10.15 -0.39
CA VAL A 148 -16.51 -9.03 -0.08
C VAL A 148 -16.61 -8.59 1.39
N PHE A 149 -17.84 -8.51 1.90
CA PHE A 149 -18.05 -8.19 3.33
C PHE A 149 -17.68 -9.37 4.22
N MET A 150 -17.93 -10.59 3.73
CA MET A 150 -17.52 -11.80 4.44
C MET A 150 -15.99 -11.91 4.52
N LEU A 151 -15.30 -11.48 3.48
CA LEU A 151 -13.83 -11.34 3.49
C LEU A 151 -13.42 -10.31 4.53
N CYS A 152 -14.04 -9.13 4.44
CA CYS A 152 -13.77 -8.01 5.36
C CYS A 152 -13.93 -8.44 6.82
N GLY A 153 -15.02 -9.13 7.12
CA GLY A 153 -15.26 -9.70 8.45
C GLY A 153 -14.26 -10.76 8.85
N GLY A 154 -13.87 -11.61 7.89
CA GLY A 154 -12.88 -12.66 8.12
C GLY A 154 -11.48 -12.15 8.44
N VAL A 155 -11.01 -11.17 7.64
CA VAL A 155 -9.68 -10.56 7.86
C VAL A 155 -9.60 -9.72 9.13
N THR A 156 -10.68 -9.02 9.48
CA THR A 156 -10.75 -8.28 10.75
C THR A 156 -10.58 -9.21 11.97
N LEU A 157 -11.11 -10.43 11.87
CA LEU A 157 -10.93 -11.45 12.92
C LEU A 157 -9.51 -12.04 12.93
N VAL A 158 -8.91 -12.20 11.76
CA VAL A 158 -7.52 -12.66 11.61
C VAL A 158 -6.53 -11.67 12.25
N GLN A 159 -6.76 -10.37 12.04
CA GLN A 159 -5.88 -9.31 12.54
C GLN A 159 -6.04 -8.97 14.03
N TRP A 160 -7.09 -9.48 14.68
CA TRP A 160 -7.41 -9.13 16.08
C TRP A 160 -6.36 -9.64 17.05
N VAL A 168 2.43 2.74 25.34
CA VAL A 168 3.22 3.90 24.92
C VAL A 168 3.30 4.94 26.04
N VAL A 169 4.51 5.38 26.36
CA VAL A 169 4.74 6.50 27.28
C VAL A 169 4.51 7.87 26.58
N VAL A 170 4.46 7.87 25.25
CA VAL A 170 4.19 9.09 24.47
C VAL A 170 2.69 9.42 24.51
N ALA A 171 2.36 10.71 24.41
CA ALA A 171 0.98 11.18 24.35
C ALA A 171 0.29 10.68 23.08
N GLN A 172 -1.00 10.38 23.19
CA GLN A 172 -1.77 9.82 22.07
C GLN A 172 -3.20 10.33 22.01
N ASN A 173 -3.83 10.09 20.86
CA ASN A 173 -5.16 10.61 20.55
C ASN A 173 -5.88 9.60 19.64
N PRO A 174 -6.42 8.51 20.24
CA PRO A 174 -7.12 7.44 19.51
C PRO A 174 -8.12 7.92 18.45
N LEU A 175 -8.92 8.93 18.77
CA LEU A 175 -9.95 9.45 17.85
C LEU A 175 -9.37 10.19 16.64
N LEU A 176 -8.21 10.83 16.80
CA LEU A 176 -7.47 11.38 15.65
C LEU A 176 -6.95 10.25 14.76
N GLY A 177 -6.45 9.19 15.41
CA GLY A 177 -6.01 7.99 14.71
C GLY A 177 -7.09 7.36 13.84
N PHE A 178 -8.29 7.22 14.40
CA PHE A 178 -9.44 6.67 13.66
C PHE A 178 -9.86 7.55 12.49
N GLY A 179 -9.84 8.87 12.68
CA GLY A 179 -10.12 9.82 11.61
C GLY A 179 -9.14 9.68 10.44
N ALA A 180 -7.87 9.44 10.76
CA ALA A 180 -6.84 9.18 9.76
C ALA A 180 -7.10 7.91 8.95
N ILE A 181 -7.50 6.84 9.63
CA ILE A 181 -7.83 5.58 8.96
C ILE A 181 -9.06 5.75 8.05
N ALA A 182 -10.07 6.48 8.53
CA ALA A 182 -11.26 6.81 7.73
C ALA A 182 -10.89 7.52 6.43
N ILE A 183 -9.94 8.45 6.50
CA ILE A 183 -9.40 9.12 5.31
C ILE A 183 -8.55 8.18 4.46
N ALA A 184 -7.69 7.39 5.13
CA ALA A 184 -6.79 6.45 4.45
C ALA A 184 -7.52 5.34 3.70
N VAL A 185 -8.60 4.84 4.28
CA VAL A 185 -9.46 3.83 3.64
C VAL A 185 -10.00 4.33 2.30
N LEU A 186 -10.51 5.56 2.29
CA LEU A 186 -11.12 6.15 1.10
C LEU A 186 -10.10 6.50 0.01
N CYS A 187 -8.89 6.88 0.42
CA CYS A 187 -7.79 7.13 -0.53
C CYS A 187 -7.29 5.85 -1.20
N SER A 188 -7.19 4.78 -0.41
CA SER A 188 -6.70 3.48 -0.89
C SER A 188 -7.55 2.89 -2.00
N GLY A 189 -8.87 2.89 -1.79
CA GLY A 189 -9.82 2.41 -2.79
C GLY A 189 -9.79 3.21 -4.08
N PHE A 190 -9.68 4.53 -3.96
CA PHE A 190 -9.75 5.43 -5.11
C PHE A 190 -8.46 5.41 -5.95
N ALA A 191 -7.33 5.68 -5.29
CA ALA A 191 -6.03 5.78 -5.98
C ALA A 191 -5.57 4.47 -6.63
N GLY A 192 -5.84 3.35 -5.96
CA GLY A 192 -5.54 2.02 -6.50
C GLY A 192 -6.34 1.71 -7.75
N VAL A 193 -7.64 1.96 -7.69
CA VAL A 193 -8.56 1.76 -8.82
C VAL A 193 -8.29 2.76 -9.96
N TYR A 194 -7.94 4.00 -9.60
CA TYR A 194 -7.48 4.99 -10.59
C TYR A 194 -6.19 4.50 -11.27
N PHE A 195 -5.23 4.04 -10.48
CA PHE A 195 -3.97 3.52 -11.03
C PHE A 195 -4.17 2.26 -11.87
N GLU A 196 -5.02 1.35 -11.42
CA GLU A 196 -5.36 0.15 -12.20
C GLU A 196 -6.02 0.53 -13.53
N LYS A 197 -6.93 1.51 -13.50
CA LYS A 197 -7.56 2.03 -14.72
C LYS A 197 -6.52 2.56 -15.69
N VAL A 198 -5.63 3.43 -15.21
CA VAL A 198 -4.59 4.03 -16.05
C VAL A 198 -3.59 2.98 -16.54
N LEU A 199 -3.16 2.09 -15.64
CA LEU A 199 -2.21 1.02 -15.99
C LEU A 199 -2.77 0.11 -17.08
N LYS A 200 -4.02 -0.34 -16.88
CA LYS A 200 -4.65 -1.31 -17.78
C LYS A 200 -5.42 -0.69 -18.97
N SER A 201 -5.28 0.62 -19.19
CA SER A 201 -5.89 1.29 -20.37
C SER A 201 -4.96 1.38 -21.59
N SER A 202 -3.70 0.96 -21.48
CA SER A 202 -2.76 1.03 -22.60
C SER A 202 -1.62 0.01 -22.48
N ASP A 203 -0.74 0.01 -23.49
CA ASP A 203 0.44 -0.88 -23.52
C ASP A 203 1.61 -0.41 -22.66
N THR A 204 1.58 0.85 -22.19
CA THR A 204 2.66 1.45 -21.39
C THR A 204 3.13 0.54 -20.26
N SER A 205 4.45 0.43 -20.11
CA SER A 205 5.06 -0.44 -19.10
C SER A 205 4.67 -0.05 -17.67
N LEU A 206 4.66 -1.03 -16.78
CA LEU A 206 4.33 -0.81 -15.37
C LEU A 206 5.29 0.16 -14.68
N TRP A 207 6.57 0.07 -15.04
CA TRP A 207 7.62 0.92 -14.44
C TRP A 207 7.59 2.35 -14.98
N VAL A 208 7.05 2.53 -16.19
CA VAL A 208 6.78 3.86 -16.74
C VAL A 208 5.61 4.52 -16.00
N ARG A 209 4.55 3.76 -15.75
CA ARG A 209 3.39 4.26 -14.99
C ARG A 209 3.75 4.62 -13.55
N ASN A 210 4.64 3.81 -12.95
CA ASN A 210 5.19 4.11 -11.63
C ASN A 210 6.02 5.39 -11.62
N ILE A 211 6.92 5.54 -12.61
CA ILE A 211 7.74 6.76 -12.76
C ILE A 211 6.87 8.01 -12.96
N GLN A 212 5.88 7.91 -13.84
CA GLN A 212 4.93 9.02 -14.09
C GLN A 212 4.18 9.45 -12.82
N MET A 213 3.87 8.48 -11.96
CA MET A 213 3.17 8.73 -10.71
C MET A 213 4.10 9.32 -9.63
N TYR A 214 5.26 8.72 -9.44
CA TYR A 214 6.18 9.13 -8.36
C TYR A 214 6.84 10.49 -8.63
N LEU A 215 6.99 10.87 -9.91
CA LEU A 215 7.43 12.23 -10.26
C LEU A 215 6.46 13.28 -9.73
N SER A 216 5.16 13.03 -9.89
CA SER A 216 4.12 13.83 -9.25
C SER A 216 4.20 13.65 -7.73
N GLY A 217 4.35 12.40 -7.30
CA GLY A 217 4.51 12.02 -5.90
C GLY A 217 5.58 12.77 -5.12
N ILE A 218 6.80 12.83 -5.64
CA ILE A 218 7.90 13.57 -4.97
C ILE A 218 7.63 15.08 -4.88
N VAL A 219 6.96 15.65 -5.89
CA VAL A 219 6.62 17.07 -5.90
C VAL A 219 5.53 17.36 -4.87
N VAL A 220 4.45 16.59 -4.94
CA VAL A 220 3.31 16.79 -4.05
C VAL A 220 3.62 16.44 -2.58
N THR A 221 4.43 15.40 -2.34
CA THR A 221 4.84 15.05 -0.97
C THR A 221 5.73 16.11 -0.35
N LEU A 222 6.70 16.61 -1.13
CA LEU A 222 7.61 17.67 -0.66
C LEU A 222 6.89 19.00 -0.47
N ALA A 223 5.97 19.31 -1.38
CA ALA A 223 5.07 20.45 -1.21
C ALA A 223 4.29 20.35 0.11
N GLY A 224 3.72 19.18 0.36
CA GLY A 224 3.05 18.88 1.62
C GLY A 224 3.96 18.90 2.84
N THR A 225 5.20 18.43 2.67
CA THR A 225 6.22 18.47 3.72
C THR A 225 6.61 19.91 4.09
N TYR A 226 6.63 20.80 3.11
CA TYR A 226 6.91 22.23 3.34
C TYR A 226 5.73 22.90 4.04
N LEU A 227 4.51 22.67 3.53
CA LEU A 227 3.31 23.29 4.10
C LEU A 227 3.00 22.80 5.52
N SER A 228 3.18 21.52 5.77
CA SER A 228 2.88 20.92 7.09
C SER A 228 3.89 21.33 8.15
N ASP A 229 5.16 20.95 7.94
CA ASP A 229 6.21 21.10 8.94
C ASP A 229 7.36 21.99 8.45
N GLY A 230 7.04 23.05 7.72
CA GLY A 230 8.07 23.91 7.10
C GLY A 230 8.87 24.74 8.08
N ALA A 231 8.16 25.41 8.98
CA ALA A 231 8.80 26.26 9.99
C ALA A 231 9.66 25.44 10.96
N GLU A 232 9.12 24.31 11.44
CA GLU A 232 9.79 23.48 12.43
C GLU A 232 10.98 22.69 11.85
N ILE A 233 10.95 22.36 10.57
CA ILE A 233 12.11 21.76 9.87
C ILE A 233 13.28 22.74 9.79
N GLN A 234 12.99 24.03 9.55
CA GLN A 234 14.02 25.08 9.59
C GLN A 234 14.75 25.13 10.94
N GLU A 235 14.03 24.90 12.04
CA GLU A 235 14.62 24.80 13.37
C GLU A 235 15.31 23.44 13.60
N LYS A 236 14.57 22.35 13.40
CA LYS A 236 15.03 21.00 13.78
C LYS A 236 15.92 20.32 12.73
N GLY A 237 15.45 20.31 11.49
CA GLY A 237 16.15 19.69 10.36
C GLY A 237 15.23 18.75 9.60
N PHE A 238 15.51 18.56 8.32
CA PHE A 238 14.71 17.65 7.46
C PHE A 238 14.80 16.22 7.96
N PHE A 239 16.03 15.73 8.14
CA PHE A 239 16.29 14.39 8.68
C PHE A 239 16.45 14.41 10.21
N TYR A 240 15.71 15.29 10.89
CA TYR A 240 15.66 15.33 12.34
C TYR A 240 14.95 14.07 12.84
N GLY A 241 15.57 13.37 13.78
CA GLY A 241 14.99 12.18 14.40
C GLY A 241 15.11 10.87 13.63
N TYR A 242 15.92 10.86 12.57
CA TYR A 242 16.12 9.65 11.74
C TYR A 242 17.05 8.64 12.44
N THR A 243 16.95 7.38 12.03
CA THR A 243 17.56 6.24 12.71
C THR A 243 17.60 5.03 11.76
N TYR A 244 18.22 3.94 12.22
CA TYR A 244 18.18 2.66 11.49
C TYR A 244 16.74 2.19 11.28
N TYR A 245 15.93 2.28 12.32
CA TYR A 245 14.51 1.89 12.24
C TYR A 245 13.64 2.82 11.39
N VAL A 246 13.96 4.12 11.34
CA VAL A 246 13.24 5.06 10.47
C VAL A 246 13.60 4.81 9.01
N TRP A 247 14.88 4.64 8.73
CA TRP A 247 15.34 4.27 7.38
C TRP A 247 14.83 2.88 6.97
N PHE A 248 14.69 1.99 7.96
CA PHE A 248 14.07 0.67 7.74
C PHE A 248 12.58 0.79 7.37
N VAL A 249 11.85 1.67 8.05
CA VAL A 249 10.44 1.95 7.73
C VAL A 249 10.28 2.51 6.31
N ILE A 250 11.17 3.44 5.94
CA ILE A 250 11.17 4.02 4.59
C ILE A 250 11.54 2.94 3.55
N PHE A 251 12.52 2.11 3.90
CA PHE A 251 12.94 0.99 3.05
C PHE A 251 11.78 0.01 2.76
N LEU A 252 11.04 -0.35 3.81
CA LEU A 252 9.85 -1.21 3.68
C LEU A 252 8.70 -0.53 2.93
N ALA A 253 8.54 0.78 3.14
CA ALA A 253 7.53 1.57 2.43
C ALA A 253 7.83 1.63 0.93
N SER A 254 9.12 1.73 0.58
CA SER A 254 9.55 1.77 -0.82
C SER A 254 9.33 0.43 -1.51
N VAL A 255 9.75 -0.65 -0.86
CA VAL A 255 9.61 -2.00 -1.40
C VAL A 255 8.14 -2.41 -1.47
N GLY A 256 7.40 -2.17 -0.38
CA GLY A 256 5.97 -2.50 -0.29
C GLY A 256 5.08 -1.83 -1.33
N GLY A 257 5.41 -0.59 -1.69
CA GLY A 257 4.69 0.13 -2.74
C GLY A 257 4.93 -0.42 -4.13
N LEU A 258 6.18 -0.73 -4.44
CA LEU A 258 6.55 -1.31 -5.74
C LEU A 258 5.91 -2.68 -5.95
N TYR A 259 5.86 -3.50 -4.91
CA TYR A 259 5.22 -4.82 -4.98
C TYR A 259 3.70 -4.73 -5.17
N THR A 260 3.05 -3.76 -4.53
CA THR A 260 1.60 -3.56 -4.71
C THR A 260 1.25 -3.20 -6.14
N SER A 261 2.10 -2.40 -6.80
CA SER A 261 1.92 -2.08 -8.21
C SER A 261 2.00 -3.32 -9.11
N VAL A 262 2.93 -4.21 -8.78
CA VAL A 262 3.09 -5.50 -9.48
C VAL A 262 1.88 -6.42 -9.24
N VAL A 263 1.41 -6.46 -8.00
CA VAL A 263 0.21 -7.26 -7.66
C VAL A 263 -1.03 -6.75 -8.40
N VAL A 264 -1.21 -5.43 -8.44
CA VAL A 264 -2.35 -4.81 -9.13
C VAL A 264 -2.34 -5.06 -10.65
N LYS A 265 -1.15 -5.26 -11.24
CA LYS A 265 -1.03 -5.62 -12.66
C LYS A 265 -1.60 -7.00 -12.94
N TYR A 266 -1.06 -8.02 -12.27
CA TYR A 266 -1.45 -9.41 -12.52
C TYR A 266 -2.78 -9.78 -11.87
N THR A 267 -3.04 -9.25 -10.68
CA THR A 267 -4.37 -9.36 -10.03
C THR A 267 -5.16 -8.09 -10.35
N ASP A 268 -6.15 -7.76 -9.51
CA ASP A 268 -6.80 -6.44 -9.50
C ASP A 268 -6.85 -5.95 -8.05
N ASN A 269 -7.42 -4.77 -7.83
CA ASN A 269 -7.47 -4.18 -6.47
C ASN A 269 -8.37 -4.93 -5.49
N ILE A 270 -9.40 -5.62 -6.00
CA ILE A 270 -10.30 -6.43 -5.17
C ILE A 270 -9.62 -7.75 -4.80
N MET A 271 -9.14 -8.47 -5.82
CA MET A 271 -8.39 -9.71 -5.63
C MET A 271 -7.11 -9.55 -4.81
N LYS A 272 -6.54 -8.35 -4.81
CA LYS A 272 -5.44 -7.99 -3.91
C LYS A 272 -5.81 -8.24 -2.45
N GLY A 273 -7.04 -7.90 -2.08
CA GLY A 273 -7.56 -8.17 -0.74
C GLY A 273 -7.72 -9.66 -0.44
N PHE A 274 -8.38 -10.37 -1.37
CA PHE A 274 -8.60 -11.82 -1.24
C PHE A 274 -7.29 -12.62 -1.17
N SER A 275 -6.36 -12.29 -2.05
CA SER A 275 -5.07 -12.98 -2.14
C SER A 275 -4.18 -12.72 -0.93
N ALA A 276 -4.08 -11.45 -0.53
CA ALA A 276 -3.32 -11.07 0.66
C ALA A 276 -3.89 -11.68 1.94
N ALA A 277 -5.22 -11.79 2.01
CA ALA A 277 -5.89 -12.48 3.12
C ALA A 277 -5.45 -13.95 3.19
N ALA A 278 -5.44 -14.62 2.03
CA ALA A 278 -5.00 -16.02 1.94
C ALA A 278 -3.54 -16.19 2.34
N ALA A 279 -2.68 -15.26 1.90
CA ALA A 279 -1.25 -15.28 2.23
C ALA A 279 -1.00 -15.10 3.73
N ILE A 280 -1.81 -14.27 4.38
CA ILE A 280 -1.76 -14.09 5.85
C ILE A 280 -2.26 -15.35 6.56
N VAL A 281 -3.33 -15.96 6.05
CA VAL A 281 -3.92 -17.16 6.66
C VAL A 281 -2.98 -18.37 6.50
N LEU A 282 -2.48 -18.58 5.28
CA LEU A 282 -1.61 -19.72 4.98
C LEU A 282 -0.25 -19.66 5.68
N SER A 283 0.38 -18.48 5.66
CA SER A 283 1.68 -18.28 6.32
C SER A 283 1.62 -18.40 7.85
N THR A 284 0.48 -18.05 8.44
CA THR A 284 0.26 -18.22 9.88
C THR A 284 0.06 -19.70 10.22
N ILE A 285 -0.73 -20.41 9.41
CA ILE A 285 -0.93 -21.86 9.55
C ILE A 285 0.39 -22.62 9.39
N ALA A 286 1.24 -22.14 8.47
CA ALA A 286 2.60 -22.64 8.33
C ALA A 286 3.39 -22.41 9.62
N SER A 287 3.41 -21.16 10.07
CA SER A 287 4.13 -20.77 11.31
C SER A 287 3.59 -21.42 12.59
N VAL A 288 2.33 -21.84 12.58
CA VAL A 288 1.76 -22.66 13.66
C VAL A 288 2.46 -24.02 13.71
N LEU A 289 2.69 -24.61 12.53
CA LEU A 289 3.36 -25.91 12.41
C LEU A 289 4.89 -25.80 12.49
N LEU A 290 5.46 -24.79 11.83
CA LEU A 290 6.93 -24.59 11.78
C LEU A 290 7.49 -24.09 13.10
N PHE A 291 7.06 -22.90 13.52
CA PHE A 291 7.59 -22.24 14.72
C PHE A 291 6.79 -22.52 16.00
N GLY A 292 5.81 -23.44 15.95
CA GLY A 292 4.96 -23.71 17.11
C GLY A 292 4.15 -22.50 17.57
N LEU A 293 3.76 -21.66 16.61
CA LEU A 293 3.06 -20.41 16.90
C LEU A 293 1.62 -20.70 17.34
N GLN A 294 1.25 -20.21 18.52
CA GLN A 294 -0.12 -20.34 19.00
C GLN A 294 -1.01 -19.25 18.41
N ILE A 295 -2.28 -19.58 18.20
CA ILE A 295 -3.24 -18.66 17.59
C ILE A 295 -4.55 -18.61 18.39
N THR A 296 -5.36 -17.59 18.09
CA THR A 296 -6.62 -17.37 18.78
C THR A 296 -7.79 -18.01 18.05
N LEU A 297 -8.92 -18.08 18.73
CA LEU A 297 -10.20 -18.50 18.14
C LEU A 297 -10.69 -17.50 17.09
N SER A 298 -10.42 -16.22 17.32
CA SER A 298 -10.67 -15.16 16.35
C SER A 298 -10.01 -15.49 15.01
N PHE A 299 -8.72 -15.83 15.07
CA PHE A 299 -7.97 -16.23 13.87
C PHE A 299 -8.55 -17.49 13.24
N ALA A 300 -8.82 -18.50 14.06
CA ALA A 300 -9.42 -19.76 13.61
C ALA A 300 -10.73 -19.53 12.87
N LEU A 301 -11.58 -18.66 13.43
CA LEU A 301 -12.87 -18.31 12.82
C LEU A 301 -12.67 -17.48 11.56
N GLY A 302 -11.91 -16.40 11.69
CA GLY A 302 -11.60 -15.51 10.57
C GLY A 302 -11.04 -16.25 9.36
N ALA A 303 -10.11 -17.16 9.61
CA ALA A 303 -9.53 -18.02 8.57
C ALA A 303 -10.58 -18.70 7.69
N LEU A 304 -11.63 -19.23 8.31
CA LEU A 304 -12.68 -19.95 7.58
C LEU A 304 -13.58 -19.00 6.75
N LEU A 305 -13.93 -17.86 7.32
CA LEU A 305 -14.66 -16.81 6.58
C LEU A 305 -13.92 -16.38 5.32
N VAL A 306 -12.59 -16.24 5.43
CA VAL A 306 -11.74 -15.88 4.30
C VAL A 306 -11.76 -16.99 3.24
N CYS A 307 -11.70 -18.25 3.69
CA CYS A 307 -11.76 -19.40 2.78
C CYS A 307 -13.10 -19.50 2.05
N VAL A 308 -14.19 -19.28 2.78
CA VAL A 308 -15.53 -19.32 2.20
C VAL A 308 -15.70 -18.16 1.22
N SER A 309 -15.30 -16.96 1.63
CA SER A 309 -15.39 -15.75 0.80
C SER A 309 -14.64 -15.90 -0.53
N ILE A 310 -13.45 -16.51 -0.49
CA ILE A 310 -12.70 -16.80 -1.72
C ILE A 310 -13.51 -17.75 -2.60
N TYR A 311 -14.09 -18.80 -2.00
CA TYR A 311 -14.91 -19.76 -2.74
C TYR A 311 -16.14 -19.10 -3.36
N LEU A 312 -16.89 -18.36 -2.55
CA LEU A 312 -18.11 -17.68 -3.01
C LEU A 312 -17.83 -16.63 -4.09
N TYR A 313 -16.75 -15.88 -3.93
CA TYR A 313 -16.32 -14.88 -4.91
C TYR A 313 -15.92 -15.53 -6.23
N GLY A 314 -15.04 -16.53 -6.16
CA GLY A 314 -14.59 -17.29 -7.32
C GLY A 314 -15.58 -18.35 -7.77
N LEU A 315 -16.71 -17.92 -8.32
CA LEU A 315 -17.76 -18.80 -8.85
C LEU A 315 -18.40 -18.13 -10.08
N PRO A 316 -18.74 -18.92 -11.12
CA PRO A 316 -19.23 -18.32 -12.38
C PRO A 316 -20.69 -17.88 -12.32
N ARG A 317 -20.97 -16.67 -12.83
CA ARG A 317 -22.33 -16.13 -12.86
C ARG A 317 -23.11 -16.72 -14.03
O3P NCC B . -3.28 0.66 0.90
P NCC B . -2.88 0.02 -0.39
O2P NCC B . -2.18 -1.42 -0.16
O1P NCC B . -3.92 -0.15 -1.47
O5' NCC B . -1.63 0.77 -1.08
C5' NCC B . -1.07 2.01 -0.63
C4' NCC B . 0.44 2.05 -0.88
O4' NCC B . 0.78 1.46 -2.15
C1' NCC B . 1.67 2.37 -2.82
N1 NCC B . 1.64 2.29 -4.29
C6 NCC B . 0.52 1.98 -4.94
C5 NCC B . 0.52 1.90 -6.33
C4 NCC B . 1.70 2.16 -7.03
N4 NCC B . 1.71 2.10 -8.37
N3 NCC B . 2.82 2.49 -6.37
C2 NCC B . 2.83 2.56 -5.03
O2 NCC B . 3.89 2.86 -4.45
C2' NCC B . 1.22 3.74 -2.36
O2' NCC B . 2.22 4.75 -2.57
C3' NCC B . 0.94 3.48 -0.90
O3' NCC B . 2.14 3.59 -0.11
C9 NCC B . -3.27 -2.99 1.28
O1B NCC B . -4.28 -2.81 0.54
O1A NCC B . -3.29 -3.85 2.19
C10 NCC B . -2.04 -2.14 1.07
O6 NCC B . -1.88 -1.29 2.22
C12 NCC B . -0.68 -0.50 2.36
C13 NCC B . -0.93 0.31 3.65
O7 NCC B . -1.90 1.31 3.31
C14 NCC B . 0.23 1.02 4.37
O8 NCC B . -0.18 1.20 5.73
C15 NCC B . 0.58 2.40 3.81
O9 NCC B . 0.58 2.43 2.38
C16 NCC B . 0.58 -1.38 2.27
N5 NCC B . 1.80 -0.59 2.18
C17 NCC B . 3.01 -1.05 2.50
O10 NCC B . 3.22 -2.17 2.93
C18 NCC B . 4.14 -0.10 2.31
C19 NCC B . 0.49 -2.24 1.00
O4 NCC B . 1.59 -3.16 0.89
C20 NCC B . -0.80 -3.05 0.95
#